data_6H3P
#
_entry.id   6H3P
#
_cell.length_a   162.598
_cell.length_b   162.598
_cell.length_c   55.382
_cell.angle_alpha   90.00
_cell.angle_beta   90.00
_cell.angle_gamma   120.00
#
_symmetry.space_group_name_H-M   'P 32 2 1'
#
loop_
_entity.id
_entity.type
_entity.pdbx_description
1 polymer 'Chorismate mutase'
2 water water
#
_entity_poly.entity_id   1
_entity_poly.type   'polypeptide(L)'
_entity_poly.pdbx_seq_one_letter_code
;MDAAGGDQLSLAAVRDALVRLEDSVVFALIERARHPRNAPAYAPAATAGEHSLVEFFVREAEALNAKAGHYQKPEDVPFF
PQDLPSPLFPTKPSPKVLHPFASLVTVNDAIWKMYFDELLPLFTVDGDDASYAQTVALDLACLQVLSQRIHIGKYVAEVK
FKDAPQEYSRLIKEKDSNSLMDMLTFKAVEEKVKKRVEKKARTFGQNVTLDDNATAGDSECKVDPKVLSKLYDQWVMPLT
KDVEVEYLLRRLD
;
_entity_poly.pdbx_strand_id   A,B
#
# COMPACT_ATOMS: atom_id res chain seq x y z
N LEU A 9 4.10 25.86 -7.56
CA LEU A 9 3.75 27.08 -8.27
C LEU A 9 2.43 27.66 -7.76
N SER A 10 1.50 26.81 -7.33
CA SER A 10 0.19 27.24 -6.90
C SER A 10 -0.10 26.68 -5.50
N LEU A 11 -0.54 27.56 -4.59
CA LEU A 11 -0.79 27.11 -3.24
C LEU A 11 -2.03 26.23 -3.14
N ALA A 12 -3.02 26.45 -4.02
CA ALA A 12 -4.19 25.57 -4.05
C ALA A 12 -3.82 24.18 -4.57
N ALA A 13 -2.92 24.10 -5.55
CA ALA A 13 -2.47 22.79 -6.02
C ALA A 13 -1.69 22.04 -4.93
N VAL A 14 -0.89 22.77 -4.14
CA VAL A 14 -0.14 22.14 -3.06
C VAL A 14 -1.07 21.62 -1.97
N ARG A 15 -2.11 22.38 -1.63
CA ARG A 15 -3.07 21.90 -0.63
C ARG A 15 -3.90 20.75 -1.21
N ASP A 16 -4.22 20.78 -2.53
CA ASP A 16 -4.90 19.64 -3.14
C ASP A 16 -4.02 18.41 -3.06
N ALA A 17 -2.70 18.56 -3.20
CA ALA A 17 -1.82 17.39 -3.10
C ALA A 17 -1.78 16.86 -1.66
N LEU A 18 -1.86 17.75 -0.66
CA LEU A 18 -1.86 17.31 0.73
C LEU A 18 -3.18 16.67 1.13
N VAL A 19 -4.30 17.12 0.56
CA VAL A 19 -5.60 16.52 0.84
C VAL A 19 -5.65 15.08 0.34
N ARG A 20 -5.09 14.81 -0.83
CA ARG A 20 -5.08 13.44 -1.35
C ARG A 20 -4.19 12.54 -0.50
N LEU A 21 -3.15 13.10 0.11
CA LEU A 21 -2.30 12.32 1.00
C LEU A 21 -3.02 11.92 2.29
N GLU A 22 -4.12 12.60 2.63
CA GLU A 22 -4.91 12.20 3.81
C GLU A 22 -5.44 10.78 3.66
N ASP A 23 -5.96 10.45 2.47
CA ASP A 23 -6.47 9.11 2.22
C ASP A 23 -5.34 8.10 2.19
N SER A 24 -4.21 8.46 1.58
CA SER A 24 -3.09 7.52 1.53
C SER A 24 -2.62 7.17 2.94
N VAL A 25 -2.64 8.13 3.86
CA VAL A 25 -2.20 7.86 5.22
C VAL A 25 -3.18 6.91 5.90
N VAL A 26 -4.48 7.14 5.71
CA VAL A 26 -5.49 6.27 6.32
C VAL A 26 -5.38 4.84 5.76
N PHE A 27 -5.29 4.68 4.43
CA PHE A 27 -5.09 3.36 3.82
C PHE A 27 -3.86 2.66 4.39
N ALA A 28 -2.72 3.36 4.43
CA ALA A 28 -1.47 2.75 4.88
C ALA A 28 -1.57 2.29 6.33
N LEU A 29 -2.19 3.09 7.21
CA LEU A 29 -2.38 2.66 8.58
C LEU A 29 -3.36 1.50 8.68
N ILE A 30 -4.44 1.53 7.91
CA ILE A 30 -5.40 0.42 7.93
C ILE A 30 -4.71 -0.86 7.49
N GLU A 31 -3.92 -0.77 6.43
CA GLU A 31 -3.28 -1.97 5.90
C GLU A 31 -2.24 -2.53 6.86
N ARG A 32 -1.42 -1.68 7.48
CA ARG A 32 -0.46 -2.15 8.48
C ARG A 32 -1.15 -2.80 9.68
N ALA A 33 -2.32 -2.28 10.09
CA ALA A 33 -3.07 -2.87 11.20
C ALA A 33 -3.68 -4.23 10.87
N ARG A 34 -3.52 -4.75 9.65
CA ARG A 34 -3.91 -6.14 9.45
C ARG A 34 -3.09 -7.08 10.33
N HIS A 35 -1.88 -6.69 10.68
CA HIS A 35 -1.01 -7.49 11.52
C HIS A 35 -0.92 -6.89 12.92
N PRO A 36 -0.53 -7.68 13.92
CA PRO A 36 -0.35 -7.13 15.27
C PRO A 36 0.99 -6.42 15.41
N ARG A 37 1.39 -6.12 16.65
CA ARG A 37 2.64 -5.40 16.90
C ARG A 37 3.83 -6.06 16.23
N ASN A 38 3.95 -7.39 16.38
CA ASN A 38 5.04 -8.17 15.78
C ASN A 38 6.42 -7.63 16.19
N ALA A 39 6.54 -7.31 17.48
CA ALA A 39 7.74 -6.66 18.02
C ALA A 39 9.09 -7.21 17.56
N PRO A 40 9.33 -8.56 17.45
CA PRO A 40 10.66 -9.06 17.04
C PRO A 40 11.16 -8.44 15.75
N ALA A 41 10.24 -8.05 14.88
CA ALA A 41 10.56 -7.28 13.69
C ALA A 41 11.35 -6.01 14.00
N TYR A 42 11.22 -5.45 15.20
CA TYR A 42 11.93 -4.22 15.54
C TYR A 42 13.04 -4.41 16.56
N ALA A 43 13.16 -5.61 17.12
CA ALA A 43 14.15 -5.89 18.15
C ALA A 43 15.50 -6.15 17.50
N PRO A 44 16.55 -5.37 17.82
CA PRO A 44 17.85 -5.55 17.14
C PRO A 44 18.54 -6.88 17.44
N ALA A 45 18.34 -7.47 18.62
CA ALA A 45 18.93 -8.76 18.93
C ALA A 45 18.17 -9.95 18.35
N ALA A 46 17.04 -9.71 17.65
CA ALA A 46 16.33 -10.81 16.99
C ALA A 46 17.04 -11.27 15.72
N THR A 47 17.80 -10.40 15.08
CA THR A 47 18.57 -10.71 13.87
C THR A 47 20.05 -10.51 14.15
N ALA A 48 20.89 -11.12 13.33
CA ALA A 48 22.33 -10.93 13.48
C ALA A 48 22.71 -9.49 13.10
N GLY A 49 23.64 -8.92 13.87
CA GLY A 49 24.08 -7.56 13.66
C GLY A 49 23.32 -6.56 14.52
N GLU A 50 23.82 -5.32 14.51
CA GLU A 50 23.23 -4.25 15.29
C GLU A 50 21.89 -3.79 14.73
N HIS A 51 21.50 -4.25 13.54
CA HIS A 51 20.28 -3.83 12.85
C HIS A 51 19.12 -4.76 13.15
N SER A 52 17.95 -4.17 13.36
CA SER A 52 16.70 -4.91 13.44
C SER A 52 16.23 -5.35 12.05
N LEU A 53 15.18 -6.17 12.02
CA LEU A 53 14.62 -6.58 10.75
C LEU A 53 14.09 -5.37 9.96
N VAL A 54 13.39 -4.44 10.62
CA VAL A 54 12.81 -3.32 9.90
C VAL A 54 13.90 -2.41 9.35
N GLU A 55 14.98 -2.20 10.10
CA GLU A 55 16.05 -1.33 9.62
C GLU A 55 16.77 -1.95 8.43
N PHE A 56 17.08 -3.25 8.50
CA PHE A 56 17.64 -3.97 7.38
C PHE A 56 16.76 -3.85 6.14
N PHE A 57 15.46 -4.08 6.29
CA PHE A 57 14.55 -4.08 5.16
C PHE A 57 14.49 -2.70 4.51
N VAL A 58 14.31 -1.64 5.29
CA VAL A 58 14.13 -0.30 4.73
C VAL A 58 15.39 0.14 3.98
N ARG A 59 16.57 -0.17 4.52
CA ARG A 59 17.82 0.13 3.81
C ARG A 59 17.88 -0.57 2.44
N GLU A 60 17.44 -1.82 2.38
CA GLU A 60 17.49 -2.55 1.11
C GLU A 60 16.43 -2.04 0.16
N ALA A 61 15.23 -1.74 0.67
CA ALA A 61 14.16 -1.25 -0.18
C ALA A 61 14.44 0.17 -0.66
N GLU A 62 15.14 0.97 0.14
CA GLU A 62 15.52 2.30 -0.33
C GLU A 62 16.57 2.22 -1.43
N ALA A 63 17.56 1.33 -1.28
CA ALA A 63 18.55 1.19 -2.34
C ALA A 63 17.90 0.73 -3.64
N LEU A 64 16.87 -0.14 -3.54
CA LEU A 64 16.15 -0.56 -4.73
C LEU A 64 15.38 0.60 -5.34
N ASN A 65 14.60 1.31 -4.53
CA ASN A 65 13.88 2.47 -5.02
C ASN A 65 14.82 3.47 -5.69
N ALA A 66 15.98 3.72 -5.09
CA ALA A 66 16.95 4.65 -5.67
C ALA A 66 17.39 4.20 -7.06
N LYS A 67 17.67 2.90 -7.20
CA LYS A 67 18.02 2.36 -8.52
C LYS A 67 16.88 2.49 -9.52
N ALA A 68 15.64 2.56 -9.07
CA ALA A 68 14.52 2.67 -9.98
C ALA A 68 14.20 4.10 -10.35
N GLY A 69 14.92 5.07 -9.78
CA GLY A 69 14.69 6.48 -10.06
C GLY A 69 13.99 7.26 -8.97
N HIS A 70 13.78 6.66 -7.80
CA HIS A 70 13.07 7.34 -6.74
C HIS A 70 13.97 8.37 -6.08
N TYR A 71 13.38 9.19 -5.19
CA TYR A 71 14.11 10.15 -4.35
C TYR A 71 14.79 11.24 -5.19
N GLN A 72 14.16 11.61 -6.30
CA GLN A 72 14.66 12.67 -7.15
C GLN A 72 13.88 13.98 -7.03
N LYS A 73 12.83 14.01 -6.22
CA LYS A 73 12.11 15.23 -5.91
C LYS A 73 12.27 15.56 -4.43
N PRO A 74 12.16 16.85 -4.05
CA PRO A 74 12.40 17.22 -2.65
C PRO A 74 11.35 16.71 -1.67
N GLU A 75 10.15 16.34 -2.12
CA GLU A 75 9.22 15.68 -1.20
C GLU A 75 9.53 14.21 -0.98
N ASP A 76 10.32 13.60 -1.86
CA ASP A 76 10.65 12.18 -1.77
C ASP A 76 12.02 12.06 -1.09
N VAL A 77 12.01 11.89 0.22
CA VAL A 77 13.22 11.92 1.04
C VAL A 77 13.42 10.55 1.67
N PRO A 78 14.59 9.94 1.55
CA PRO A 78 14.83 8.64 2.18
C PRO A 78 15.26 8.74 3.63
N PHE A 79 15.03 7.65 4.36
CA PHE A 79 15.44 7.59 5.76
C PHE A 79 16.93 7.32 5.91
N PHE A 80 17.56 6.75 4.90
CA PHE A 80 18.97 6.39 4.93
C PHE A 80 19.69 7.03 3.75
N PRO A 81 19.84 8.36 3.77
CA PRO A 81 20.35 9.07 2.59
C PRO A 81 21.79 8.74 2.26
N GLN A 82 22.62 8.55 3.28
CA GLN A 82 24.07 8.40 3.09
C GLN A 82 24.42 7.24 2.19
N ASP A 83 23.54 6.24 2.06
CA ASP A 83 23.89 4.98 1.41
C ASP A 83 23.15 4.75 0.09
N LEU A 84 22.43 5.75 -0.39
CA LEU A 84 21.57 5.58 -1.56
C LEU A 84 22.39 5.51 -2.85
N PRO A 85 22.14 4.52 -3.70
CA PRO A 85 22.82 4.46 -5.01
C PRO A 85 22.19 5.35 -6.08
N SER A 86 22.71 5.27 -7.31
CA SER A 86 22.35 6.09 -8.45
C SER A 86 21.19 5.48 -9.22
N PRO A 87 20.49 6.26 -9.97
CA PRO A 87 19.49 5.53 -10.70
C PRO A 87 20.07 4.68 -11.76
N LEU A 88 19.58 3.50 -11.95
CA LEU A 88 20.02 2.70 -13.05
C LEU A 88 19.47 3.27 -14.34
N PHE A 89 18.25 3.76 -14.29
CA PHE A 89 17.52 4.35 -15.43
C PHE A 89 17.66 5.86 -15.67
N PRO A 90 17.55 6.33 -16.92
CA PRO A 90 17.67 7.77 -17.21
C PRO A 90 16.52 8.60 -16.62
N THR A 91 16.89 9.61 -15.84
CA THR A 91 15.96 10.56 -15.26
C THR A 91 16.03 11.84 -16.05
N LYS A 92 14.90 12.30 -16.54
CA LYS A 92 15.03 13.49 -17.37
C LYS A 92 15.01 14.75 -16.48
N PRO A 93 15.93 15.68 -16.72
CA PRO A 93 15.99 16.76 -15.74
C PRO A 93 14.69 17.47 -15.53
N SER A 94 14.38 17.75 -14.28
CA SER A 94 13.11 18.40 -13.99
C SER A 94 13.25 19.78 -13.46
N PRO A 95 12.19 20.53 -13.58
CA PRO A 95 11.90 21.91 -13.27
C PRO A 95 12.27 22.15 -11.88
N LYS A 96 12.94 23.27 -11.72
CA LYS A 96 13.43 23.68 -10.49
C LYS A 96 12.44 24.66 -10.05
N VAL A 97 11.68 24.25 -9.08
CA VAL A 97 10.69 25.12 -8.48
C VAL A 97 11.14 25.66 -7.13
N LEU A 98 12.00 24.95 -6.40
CA LEU A 98 12.38 25.26 -5.03
C LEU A 98 13.82 25.80 -4.95
N HIS A 99 14.16 26.39 -3.81
CA HIS A 99 15.53 26.83 -3.52
C HIS A 99 16.42 25.60 -3.35
N PRO A 100 17.52 25.52 -4.04
CA PRO A 100 18.33 24.32 -3.93
C PRO A 100 18.90 23.97 -2.61
N PHE A 101 19.45 24.89 -1.90
CA PHE A 101 19.97 24.57 -0.61
C PHE A 101 18.91 24.32 0.44
N ALA A 102 17.83 25.04 0.37
CA ALA A 102 16.82 24.88 1.38
C ALA A 102 15.93 23.66 1.14
N SER A 103 16.17 22.99 0.05
CA SER A 103 15.38 21.92 -0.46
C SER A 103 15.77 20.70 0.27
N LEU A 104 16.98 20.68 0.76
CA LEU A 104 17.61 19.51 1.37
C LEU A 104 17.20 19.25 2.81
N VAL A 105 16.39 20.13 3.42
CA VAL A 105 15.97 19.91 4.80
C VAL A 105 15.23 18.58 4.89
N THR A 106 15.54 17.80 5.91
CA THR A 106 14.90 16.52 6.13
C THR A 106 14.63 16.35 7.61
N VAL A 107 13.38 16.10 7.98
CA VAL A 107 13.03 15.72 9.34
C VAL A 107 12.78 14.21 9.45
N ASN A 108 13.36 13.42 8.54
CA ASN A 108 13.01 12.00 8.49
C ASN A 108 13.40 11.27 9.76
N ASP A 109 14.46 11.71 10.44
CA ASP A 109 14.85 11.05 11.67
C ASP A 109 13.81 11.26 12.78
N ALA A 110 13.10 12.39 12.77
CA ALA A 110 12.03 12.56 13.74
C ALA A 110 10.78 11.79 13.35
N ILE A 111 10.48 11.69 12.05
CA ILE A 111 9.36 10.88 11.57
C ILE A 111 9.58 9.41 11.96
N TRP A 112 10.79 8.90 11.71
CA TRP A 112 11.11 7.51 12.04
C TRP A 112 10.92 7.25 13.54
N LYS A 113 11.44 8.13 14.37
CA LYS A 113 11.33 7.98 15.82
C LYS A 113 9.87 7.95 16.25
N MET A 114 9.06 8.92 15.78
CA MET A 114 7.68 8.96 16.25
C MET A 114 6.89 7.77 15.75
N TYR A 115 7.23 7.23 14.56
CA TYR A 115 6.45 6.12 14.03
C TYR A 115 6.61 4.87 14.89
N PHE A 116 7.86 4.49 15.18
CA PHE A 116 8.09 3.24 15.91
C PHE A 116 7.85 3.40 17.40
N ASP A 117 8.12 4.57 17.95
CA ASP A 117 8.04 4.78 19.40
C ASP A 117 6.64 5.18 19.83
N GLU A 118 5.98 6.05 19.06
CA GLU A 118 4.72 6.69 19.44
C GLU A 118 3.49 6.20 18.69
N LEU A 119 3.60 5.92 17.39
CA LEU A 119 2.41 5.67 16.59
C LEU A 119 2.02 4.19 16.58
N LEU A 120 2.97 3.30 16.26
CA LEU A 120 2.69 1.86 16.21
C LEU A 120 1.86 1.34 17.38
N PRO A 121 2.17 1.67 18.64
CA PRO A 121 1.33 1.16 19.73
C PRO A 121 -0.14 1.60 19.64
N LEU A 122 -0.42 2.70 18.93
CA LEU A 122 -1.76 3.28 18.95
C LEU A 122 -2.72 2.56 18.01
N PHE A 123 -2.25 2.10 16.85
CA PHE A 123 -3.14 1.51 15.86
C PHE A 123 -2.82 0.05 15.58
N THR A 124 -2.04 -0.59 16.43
CA THR A 124 -1.52 -1.92 16.17
C THR A 124 -1.69 -2.73 17.45
N VAL A 125 -2.46 -3.83 17.37
CA VAL A 125 -2.79 -4.53 18.61
C VAL A 125 -1.61 -5.39 19.04
N ASP A 126 -1.51 -5.61 20.34
CA ASP A 126 -0.44 -6.43 20.85
C ASP A 126 -0.67 -7.88 20.47
N GLY A 127 0.41 -8.59 20.18
CA GLY A 127 0.32 -9.94 19.67
C GLY A 127 1.38 -10.23 18.64
N ASP A 128 1.40 -11.45 18.10
CA ASP A 128 2.43 -11.85 17.15
C ASP A 128 1.89 -12.97 16.26
N ASP A 129 1.69 -12.67 14.98
CA ASP A 129 1.77 -13.66 13.92
C ASP A 129 3.18 -13.63 13.36
N ALA A 130 3.60 -14.70 12.71
CA ALA A 130 4.98 -14.65 12.27
C ALA A 130 5.22 -13.79 11.04
N SER A 131 4.25 -12.98 10.61
CA SER A 131 4.28 -12.30 9.31
C SER A 131 5.19 -11.08 9.32
N TYR A 132 6.48 -11.34 9.57
CA TYR A 132 7.42 -10.25 9.78
C TYR A 132 7.75 -9.52 8.49
N ALA A 133 7.97 -10.25 7.40
CA ALA A 133 8.29 -9.61 6.12
C ALA A 133 7.13 -8.77 5.59
N GLN A 134 5.89 -9.21 5.82
CA GLN A 134 4.75 -8.38 5.39
C GLN A 134 4.63 -7.15 6.26
N THR A 135 4.82 -7.31 7.58
CA THR A 135 4.79 -6.19 8.51
C THR A 135 5.77 -5.09 8.12
N VAL A 136 7.05 -5.42 7.95
CA VAL A 136 8.06 -4.39 7.70
C VAL A 136 7.82 -3.70 6.36
N ALA A 137 7.25 -4.40 5.36
CA ALA A 137 6.93 -3.70 4.11
C ALA A 137 5.76 -2.75 4.31
N LEU A 138 4.81 -3.12 5.17
CA LEU A 138 3.66 -2.25 5.48
C LEU A 138 4.10 -1.06 6.31
N ASP A 139 5.11 -1.24 7.17
CA ASP A 139 5.69 -0.14 7.93
C ASP A 139 6.35 0.88 7.01
N LEU A 140 7.08 0.41 6.00
CA LEU A 140 7.76 1.31 5.08
C LEU A 140 6.76 2.14 4.28
N ALA A 141 5.63 1.55 3.89
CA ALA A 141 4.62 2.32 3.17
C ALA A 141 4.05 3.42 4.05
N CYS A 142 3.78 3.11 5.32
CA CYS A 142 3.43 4.16 6.27
C CYS A 142 4.49 5.26 6.30
N LEU A 143 5.76 4.88 6.52
CA LEU A 143 6.82 5.88 6.63
C LEU A 143 6.94 6.75 5.39
N GLN A 144 6.76 6.16 4.20
CA GLN A 144 6.91 6.89 2.96
C GLN A 144 5.79 7.89 2.74
N VAL A 145 4.57 7.56 3.17
CA VAL A 145 3.49 8.51 2.93
C VAL A 145 3.54 9.65 3.95
N LEU A 146 3.91 9.37 5.21
CA LEU A 146 4.08 10.45 6.17
C LEU A 146 5.19 11.40 5.76
N SER A 147 6.33 10.83 5.33
CA SER A 147 7.47 11.66 4.94
C SER A 147 7.12 12.55 3.77
N GLN A 148 6.44 12.00 2.76
CA GLN A 148 6.08 12.80 1.60
C GLN A 148 5.17 13.95 1.99
N ARG A 149 4.13 13.68 2.78
CA ARG A 149 3.26 14.73 3.28
C ARG A 149 4.06 15.83 3.95
N ILE A 150 4.87 15.45 4.93
CA ILE A 150 5.59 16.41 5.76
C ILE A 150 6.56 17.22 4.91
N HIS A 151 7.26 16.58 3.98
CA HIS A 151 8.25 17.33 3.21
C HIS A 151 7.64 18.07 2.04
N ILE A 152 6.34 17.93 1.78
CA ILE A 152 5.67 18.87 0.91
C ILE A 152 5.57 20.25 1.56
N GLY A 153 5.93 20.34 2.85
CA GLY A 153 6.06 21.64 3.47
C GLY A 153 6.99 22.58 2.72
N LYS A 154 8.06 22.03 2.13
CA LYS A 154 8.95 22.85 1.30
C LYS A 154 8.17 23.64 0.27
N TYR A 155 7.28 22.97 -0.46
CA TYR A 155 6.51 23.68 -1.47
C TYR A 155 5.62 24.73 -0.83
N VAL A 156 5.05 24.44 0.35
CA VAL A 156 4.24 25.41 1.08
C VAL A 156 5.06 26.64 1.44
N ALA A 157 6.21 26.43 2.09
CA ALA A 157 7.09 27.55 2.42
C ALA A 157 7.36 28.41 1.20
N GLU A 158 7.61 27.80 0.04
CA GLU A 158 8.04 28.55 -1.14
C GLU A 158 6.95 29.47 -1.68
N VAL A 159 5.72 28.95 -1.85
CA VAL A 159 4.67 29.85 -2.34
C VAL A 159 4.41 30.94 -1.32
N LYS A 160 4.32 30.57 -0.03
CA LYS A 160 4.07 31.57 1.01
C LYS A 160 5.17 32.62 1.06
N PHE A 161 6.40 32.23 0.73
CA PHE A 161 7.51 33.18 0.64
C PHE A 161 7.33 34.14 -0.53
N LYS A 162 7.16 33.60 -1.74
CA LYS A 162 7.15 34.42 -2.94
C LYS A 162 6.02 35.45 -2.95
N ASP A 163 4.92 35.20 -2.24
CA ASP A 163 3.81 36.15 -2.27
C ASP A 163 3.94 37.26 -1.24
N ALA A 164 4.72 37.05 -0.18
CA ALA A 164 5.09 38.11 0.76
C ALA A 164 6.59 38.06 1.03
N PRO A 165 7.42 38.23 0.00
CA PRO A 165 8.85 37.95 0.17
C PRO A 165 9.56 38.89 1.13
N GLN A 166 9.13 40.15 1.24
CA GLN A 166 9.94 41.09 2.00
C GLN A 166 9.75 40.92 3.50
N GLU A 167 8.52 40.74 3.97
CA GLU A 167 8.36 40.52 5.41
C GLU A 167 8.82 39.12 5.79
N TYR A 168 8.76 38.16 4.86
CA TYR A 168 9.34 36.85 5.15
C TYR A 168 10.86 36.92 5.22
N SER A 169 11.49 37.64 4.28
CA SER A 169 12.94 37.76 4.29
C SER A 169 13.43 38.40 5.57
N ARG A 170 12.71 39.42 6.06
CA ARG A 170 13.19 40.11 7.25
C ARG A 170 13.16 39.19 8.47
N LEU A 171 12.13 38.34 8.57
CA LEU A 171 12.09 37.39 9.68
C LEU A 171 13.12 36.29 9.52
N ILE A 172 13.51 35.98 8.28
CA ILE A 172 14.61 35.05 8.04
C ILE A 172 15.92 35.66 8.51
N LYS A 173 16.23 36.86 8.02
CA LYS A 173 17.47 37.53 8.40
C LYS A 173 17.58 37.67 9.92
N GLU A 174 16.46 37.99 10.60
CA GLU A 174 16.53 38.07 12.07
C GLU A 174 16.59 36.68 12.69
N LYS A 175 16.45 35.62 11.90
CA LYS A 175 16.48 34.25 12.40
C LYS A 175 15.38 34.01 13.44
N ASP A 176 14.19 34.55 13.20
CA ASP A 176 13.08 34.50 14.15
C ASP A 176 12.22 33.27 13.87
N SER A 177 12.47 32.18 14.61
CA SER A 177 11.74 30.94 14.34
C SER A 177 10.29 31.02 14.81
N ASN A 178 10.05 31.60 15.99
CA ASN A 178 8.69 31.68 16.53
C ASN A 178 7.81 32.59 15.69
N SER A 179 8.36 33.68 15.16
CA SER A 179 7.56 34.57 14.32
C SER A 179 7.33 33.99 12.93
N LEU A 180 8.29 33.24 12.38
CA LEU A 180 8.02 32.50 11.16
C LEU A 180 6.92 31.48 11.38
N MET A 181 6.92 30.83 12.56
CA MET A 181 5.95 29.80 12.85
C MET A 181 4.55 30.37 12.99
N ASP A 182 4.42 31.57 13.55
CA ASP A 182 3.11 32.20 13.66
C ASP A 182 2.63 32.77 12.34
N MET A 183 3.54 33.08 11.42
CA MET A 183 3.12 33.49 10.08
C MET A 183 2.51 32.31 9.34
N LEU A 184 3.14 31.14 9.46
CA LEU A 184 2.74 29.96 8.70
C LEU A 184 1.48 29.29 9.24
N THR A 185 1.12 29.54 10.50
CA THR A 185 0.09 28.72 11.14
C THR A 185 -1.30 29.27 10.86
N PHE A 186 -2.16 28.41 10.33
CA PHE A 186 -3.58 28.68 10.05
C PHE A 186 -4.36 27.65 10.86
N LYS A 187 -4.65 27.98 12.13
CA LYS A 187 -5.27 27.02 13.03
C LYS A 187 -6.67 26.62 12.57
N ALA A 188 -7.37 27.49 11.85
CA ALA A 188 -8.71 27.10 11.38
C ALA A 188 -8.60 25.96 10.37
N VAL A 189 -7.60 26.01 9.49
CA VAL A 189 -7.43 24.96 8.50
C VAL A 189 -6.97 23.67 9.16
N GLU A 190 -6.06 23.78 10.13
CA GLU A 190 -5.64 22.62 10.91
C GLU A 190 -6.83 21.87 11.49
N GLU A 191 -7.85 22.61 11.91
CA GLU A 191 -9.03 22.01 12.50
C GLU A 191 -9.88 21.28 11.47
N LYS A 192 -10.00 21.83 10.24
CA LYS A 192 -10.63 21.08 9.16
C LYS A 192 -9.91 19.76 8.94
N VAL A 193 -8.57 19.80 8.83
CA VAL A 193 -7.79 18.61 8.52
C VAL A 193 -7.96 17.54 9.59
N LYS A 194 -7.90 17.92 10.87
CA LYS A 194 -8.06 16.95 11.97
C LYS A 194 -9.42 16.27 11.92
N LYS A 195 -10.48 17.02 11.63
CA LYS A 195 -11.82 16.46 11.58
C LYS A 195 -12.03 15.64 10.31
N ARG A 196 -11.45 16.09 9.18
CA ARG A 196 -11.61 15.36 7.93
C ARG A 196 -10.77 14.11 7.90
N VAL A 197 -9.54 14.19 8.40
CA VAL A 197 -8.70 13.00 8.44
C VAL A 197 -9.36 11.96 9.33
N GLU A 198 -10.05 12.40 10.36
CA GLU A 198 -10.79 11.49 11.23
C GLU A 198 -12.02 10.92 10.50
N LYS A 199 -12.74 11.75 9.76
CA LYS A 199 -13.87 11.25 8.98
C LYS A 199 -13.44 10.19 7.97
N LYS A 200 -12.25 10.36 7.38
CA LYS A 200 -11.77 9.41 6.39
C LYS A 200 -11.43 8.06 7.02
N ALA A 201 -10.83 8.08 8.21
CA ALA A 201 -10.56 6.83 8.91
C ALA A 201 -11.84 6.10 9.28
N ARG A 202 -12.86 6.86 9.72
CA ARG A 202 -14.18 6.31 10.03
C ARG A 202 -14.84 5.71 8.80
N THR A 203 -14.71 6.39 7.67
CA THR A 203 -15.31 5.96 6.42
C THR A 203 -14.58 4.78 5.79
N PHE A 204 -13.24 4.80 5.78
CA PHE A 204 -12.47 3.79 5.05
C PHE A 204 -12.14 2.56 5.89
N GLY A 205 -12.43 2.59 7.18
CA GLY A 205 -12.04 1.53 8.07
C GLY A 205 -13.20 0.72 8.59
N GLN A 206 -14.42 1.21 8.34
CA GLN A 206 -15.64 0.50 8.69
C GLN A 206 -15.71 -0.84 7.97
N ASN A 207 -16.56 -1.72 8.49
CA ASN A 207 -16.86 -2.97 7.80
C ASN A 207 -17.99 -2.71 6.83
N VAL A 208 -17.66 -2.61 5.53
CA VAL A 208 -18.67 -2.27 4.53
C VAL A 208 -19.52 -3.49 4.19
N THR A 209 -20.83 -3.34 4.33
CA THR A 209 -21.74 -4.45 4.24
C THR A 209 -22.94 -4.06 3.38
N LEU A 210 -23.55 -5.08 2.74
CA LEU A 210 -24.70 -4.87 1.84
C LEU A 210 -26.00 -4.51 2.59
N ASP A 211 -25.91 -4.07 3.83
CA ASP A 211 -27.05 -3.65 4.63
C ASP A 211 -27.06 -2.13 4.69
N ASP A 212 -28.10 -1.50 4.11
CA ASP A 212 -28.26 -0.06 4.22
C ASP A 212 -28.81 0.35 5.58
N ASN A 213 -29.62 -0.52 6.19
CA ASN A 213 -30.15 -0.26 7.52
C ASN A 213 -29.02 -0.24 8.56
N ALA A 214 -28.06 -1.15 8.44
CA ALA A 214 -27.00 -1.28 9.42
C ALA A 214 -26.20 0.01 9.55
N THR A 215 -25.85 0.35 10.81
CA THR A 215 -24.82 1.33 11.13
C THR A 215 -23.98 0.77 12.27
N ALA A 216 -22.71 1.17 12.29
CA ALA A 216 -21.79 0.72 13.34
C ALA A 216 -20.96 1.89 13.82
N GLY A 217 -20.41 1.75 15.04
CA GLY A 217 -19.61 2.79 15.63
C GLY A 217 -18.12 2.55 15.44
N ASP A 218 -17.31 3.46 16.00
CA ASP A 218 -15.87 3.35 15.87
C ASP A 218 -15.32 2.06 16.45
N SER A 219 -16.09 1.33 17.25
CA SER A 219 -15.63 0.04 17.73
C SER A 219 -15.34 -0.92 16.58
N GLU A 220 -16.13 -0.86 15.51
CA GLU A 220 -15.93 -1.72 14.34
C GLU A 220 -14.86 -1.20 13.38
N CYS A 221 -14.29 -0.02 13.59
CA CYS A 221 -13.33 0.53 12.64
C CYS A 221 -11.96 -0.15 12.76
N LYS A 222 -11.37 -0.44 11.60
CA LYS A 222 -10.06 -1.10 11.57
C LYS A 222 -8.97 -0.29 12.26
N VAL A 223 -9.04 1.04 12.22
CA VAL A 223 -8.17 1.94 12.99
C VAL A 223 -9.06 2.99 13.64
N ASP A 224 -8.86 3.20 14.95
CA ASP A 224 -9.63 4.19 15.70
C ASP A 224 -9.51 5.56 15.03
N PRO A 225 -10.61 6.14 14.53
CA PRO A 225 -10.49 7.46 13.86
C PRO A 225 -9.77 8.50 14.70
N LYS A 226 -9.92 8.45 16.03
CA LYS A 226 -9.22 9.36 16.93
C LYS A 226 -7.70 9.23 16.83
N VAL A 227 -7.18 8.06 16.45
CA VAL A 227 -5.74 7.93 16.21
C VAL A 227 -5.30 8.85 15.07
N LEU A 228 -6.12 8.98 14.02
CA LEU A 228 -5.75 9.83 12.91
C LEU A 228 -5.72 11.32 13.31
N SER A 229 -6.75 11.80 14.02
CA SER A 229 -6.74 13.15 14.59
C SER A 229 -5.48 13.41 15.37
N LYS A 230 -5.17 12.52 16.31
CA LYS A 230 -4.00 12.66 17.16
C LYS A 230 -2.72 12.66 16.34
N LEU A 231 -2.60 11.74 15.39
CA LEU A 231 -1.44 11.71 14.52
C LEU A 231 -1.20 13.09 13.89
N TYR A 232 -2.25 13.74 13.39
CA TYR A 232 -2.07 14.98 12.64
C TYR A 232 -1.79 16.15 13.56
N ASP A 233 -2.53 16.21 14.66
CA ASP A 233 -2.41 17.32 15.60
C ASP A 233 -1.06 17.27 16.30
N GLN A 234 -0.63 16.09 16.71
CA GLN A 234 0.61 15.91 17.46
C GLN A 234 1.85 15.95 16.56
N TRP A 235 1.85 15.25 15.42
CA TRP A 235 3.09 15.03 14.70
C TRP A 235 3.11 15.49 13.25
N VAL A 236 2.11 15.10 12.44
CA VAL A 236 2.15 15.38 11.01
C VAL A 236 2.14 16.89 10.75
N MET A 237 1.18 17.59 11.34
CA MET A 237 1.11 19.03 11.06
C MET A 237 2.24 19.82 11.70
N PRO A 238 2.67 19.51 12.94
CA PRO A 238 3.85 20.21 13.45
C PRO A 238 5.12 19.90 12.66
N LEU A 239 5.31 18.65 12.22
CA LEU A 239 6.54 18.31 11.51
C LEU A 239 6.57 18.94 10.12
N THR A 240 5.41 18.99 9.45
CA THR A 240 5.33 19.71 8.18
C THR A 240 5.74 21.16 8.40
N LYS A 241 5.34 21.73 9.53
CA LYS A 241 5.71 23.10 9.83
C LYS A 241 7.17 23.25 10.23
N ASP A 242 7.73 22.25 10.89
CA ASP A 242 9.17 22.28 11.13
C ASP A 242 9.92 22.35 9.82
N VAL A 243 9.42 21.65 8.80
CA VAL A 243 10.09 21.61 7.50
C VAL A 243 10.04 22.97 6.85
N GLU A 244 8.91 23.68 6.96
CA GLU A 244 8.80 24.92 6.21
C GLU A 244 9.50 26.08 6.93
N VAL A 245 9.55 26.05 8.26
CA VAL A 245 10.42 26.98 8.98
C VAL A 245 11.89 26.70 8.65
N GLU A 246 12.33 25.43 8.71
CA GLU A 246 13.74 25.17 8.41
C GLU A 246 14.05 25.41 6.93
N TYR A 247 13.06 25.25 6.05
CA TYR A 247 13.23 25.66 4.65
C TYR A 247 13.45 27.16 4.53
N LEU A 248 12.66 27.95 5.26
CA LEU A 248 12.71 29.39 5.13
C LEU A 248 14.01 29.96 5.72
N LEU A 249 14.52 29.35 6.80
CA LEU A 249 15.76 29.81 7.42
C LEU A 249 16.96 29.73 6.47
N ARG A 250 16.85 28.95 5.39
CA ARG A 250 17.89 28.89 4.37
C ARG A 250 17.49 29.56 3.07
N ARG A 251 16.31 30.17 3.02
CA ARG A 251 15.79 30.67 1.74
C ARG A 251 16.58 31.87 1.21
N LEU A 252 17.38 32.53 2.03
CA LEU A 252 18.14 33.66 1.55
C LEU A 252 19.59 33.31 1.26
N ASP A 253 20.00 32.07 1.45
CA ASP A 253 21.37 31.66 1.19
C ASP A 253 21.60 31.44 -0.30
N LEU B 9 -8.36 -24.48 7.97
CA LEU B 9 -8.76 -24.80 9.33
C LEU B 9 -10.26 -24.60 9.59
N SER B 10 -10.79 -23.43 9.25
CA SER B 10 -12.17 -23.07 9.58
C SER B 10 -12.85 -22.48 8.36
N LEU B 11 -14.05 -22.98 8.07
CA LEU B 11 -14.87 -22.43 6.99
C LEU B 11 -14.97 -20.90 7.12
N ALA B 12 -15.27 -20.43 8.33
CA ALA B 12 -15.47 -19.00 8.55
C ALA B 12 -14.16 -18.23 8.51
N ALA B 13 -13.06 -18.83 8.98
CA ALA B 13 -11.77 -18.14 8.94
C ALA B 13 -11.31 -17.88 7.52
N VAL B 14 -11.53 -18.84 6.60
CA VAL B 14 -11.11 -18.65 5.22
C VAL B 14 -11.95 -17.57 4.54
N ARG B 15 -13.25 -17.54 4.83
CA ARG B 15 -14.14 -16.55 4.26
C ARG B 15 -13.80 -15.14 4.73
N ASP B 16 -13.41 -15.02 6.01
CA ASP B 16 -12.99 -13.74 6.55
C ASP B 16 -11.71 -13.24 5.87
N ALA B 17 -10.76 -14.15 5.64
CA ALA B 17 -9.53 -13.75 4.95
C ALA B 17 -9.85 -13.16 3.58
N LEU B 18 -10.79 -13.77 2.85
CA LEU B 18 -11.15 -13.28 1.53
C LEU B 18 -11.87 -11.94 1.61
N VAL B 19 -12.91 -11.84 2.44
CA VAL B 19 -13.63 -10.58 2.58
C VAL B 19 -12.68 -9.43 2.89
N ARG B 20 -11.72 -9.65 3.79
CA ARG B 20 -10.81 -8.58 4.18
C ARG B 20 -9.95 -8.13 3.01
N LEU B 21 -9.65 -9.03 2.07
CA LEU B 21 -8.83 -8.67 0.91
C LEU B 21 -9.62 -7.86 -0.12
N GLU B 22 -10.96 -7.87 -0.05
CA GLU B 22 -11.74 -6.94 -0.87
C GLU B 22 -11.32 -5.49 -0.60
N ASP B 23 -11.15 -5.13 0.68
CA ASP B 23 -10.71 -3.78 1.00
C ASP B 23 -9.29 -3.55 0.51
N SER B 24 -8.43 -4.56 0.62
CA SER B 24 -7.05 -4.38 0.20
C SER B 24 -6.94 -4.23 -1.32
N VAL B 25 -7.85 -4.85 -2.08
CA VAL B 25 -7.82 -4.68 -3.52
C VAL B 25 -8.31 -3.29 -3.92
N VAL B 26 -9.42 -2.83 -3.34
CA VAL B 26 -9.91 -1.47 -3.61
C VAL B 26 -8.83 -0.45 -3.29
N PHE B 27 -8.28 -0.52 -2.07
CA PHE B 27 -7.19 0.36 -1.67
C PHE B 27 -6.08 0.39 -2.70
N ALA B 28 -5.60 -0.80 -3.10
CA ALA B 28 -4.40 -0.86 -3.94
C ALA B 28 -4.67 -0.27 -5.33
N LEU B 29 -5.83 -0.55 -5.92
CA LEU B 29 -6.20 0.07 -7.18
C LEU B 29 -6.36 1.57 -7.05
N ILE B 30 -7.00 2.03 -5.98
CA ILE B 30 -7.14 3.48 -5.78
C ILE B 30 -5.78 4.16 -5.75
N GLU B 31 -4.79 3.57 -5.04
CA GLU B 31 -3.50 4.22 -4.90
C GLU B 31 -2.71 4.23 -6.19
N ARG B 32 -2.72 3.11 -6.92
CA ARG B 32 -2.03 3.09 -8.20
C ARG B 32 -2.64 4.08 -9.18
N ALA B 33 -3.96 4.28 -9.14
CA ALA B 33 -4.64 5.21 -10.01
C ALA B 33 -4.26 6.66 -9.74
N ARG B 34 -3.43 6.91 -8.73
CA ARG B 34 -2.96 8.27 -8.53
C ARG B 34 -2.03 8.74 -9.65
N HIS B 35 -1.37 7.81 -10.35
CA HIS B 35 -0.51 8.06 -11.50
C HIS B 35 -1.16 7.61 -12.81
N PRO B 36 -0.76 8.22 -13.97
CA PRO B 36 -1.26 7.73 -15.27
C PRO B 36 -0.69 6.37 -15.64
N ARG B 37 -0.83 6.02 -16.92
CA ARG B 37 -0.38 4.71 -17.40
C ARG B 37 1.12 4.55 -17.26
N ASN B 38 1.88 5.63 -17.44
CA ASN B 38 3.35 5.60 -17.32
C ASN B 38 3.96 4.43 -18.09
N ALA B 39 3.58 4.31 -19.36
CA ALA B 39 4.01 3.19 -20.20
C ALA B 39 5.54 2.95 -20.23
N PRO B 40 6.41 3.96 -20.22
CA PRO B 40 7.86 3.66 -20.21
C PRO B 40 8.30 2.78 -19.07
N ALA B 41 7.51 2.69 -17.99
CA ALA B 41 7.85 1.82 -16.86
C ALA B 41 7.76 0.33 -17.21
N TYR B 42 7.03 0.00 -18.29
CA TYR B 42 6.80 -1.38 -18.71
C TYR B 42 7.43 -1.71 -20.05
N ALA B 43 8.06 -0.73 -20.71
CA ALA B 43 8.70 -1.00 -21.98
C ALA B 43 9.79 -2.03 -21.79
N PRO B 44 9.97 -2.94 -22.75
CA PRO B 44 10.90 -4.06 -22.55
C PRO B 44 12.33 -3.66 -22.88
N ALA B 45 13.26 -4.54 -22.50
CA ALA B 45 14.68 -4.25 -22.60
C ALA B 45 15.25 -4.75 -23.91
N ALA B 46 16.31 -4.07 -24.36
CA ALA B 46 16.92 -4.40 -25.64
C ALA B 46 17.48 -5.81 -25.65
N THR B 47 18.10 -6.23 -24.55
CA THR B 47 18.77 -7.53 -24.46
C THR B 47 18.02 -8.48 -23.52
N ALA B 48 18.36 -9.76 -23.62
CA ALA B 48 18.03 -10.68 -22.53
C ALA B 48 18.90 -10.37 -21.32
N GLY B 49 18.44 -10.74 -20.15
CA GLY B 49 19.23 -10.45 -18.95
C GLY B 49 19.05 -9.03 -18.43
N GLU B 50 18.77 -8.09 -19.32
CA GLU B 50 18.22 -6.80 -18.96
C GLU B 50 16.70 -6.88 -19.00
N HIS B 51 16.05 -6.22 -18.06
CA HIS B 51 14.61 -6.33 -17.92
C HIS B 51 13.96 -4.96 -18.07
N SER B 52 12.63 -4.98 -18.16
CA SER B 52 11.88 -3.75 -18.01
C SER B 52 12.01 -3.25 -16.57
N LEU B 53 11.63 -1.99 -16.37
CA LEU B 53 11.69 -1.42 -15.03
C LEU B 53 10.81 -2.21 -14.06
N VAL B 54 9.60 -2.57 -14.48
CA VAL B 54 8.70 -3.22 -13.53
C VAL B 54 9.21 -4.63 -13.21
N GLU B 55 9.75 -5.33 -14.20
CA GLU B 55 10.31 -6.65 -13.93
C GLU B 55 11.56 -6.56 -13.06
N PHE B 56 12.48 -5.66 -13.41
CA PHE B 56 13.65 -5.46 -12.57
C PHE B 56 13.22 -5.20 -11.12
N PHE B 57 12.24 -4.30 -10.93
CA PHE B 57 11.81 -3.92 -9.60
C PHE B 57 11.24 -5.11 -8.83
N VAL B 58 10.37 -5.89 -9.49
CA VAL B 58 9.73 -7.00 -8.80
C VAL B 58 10.75 -8.09 -8.49
N ARG B 59 11.60 -8.43 -9.46
CA ARG B 59 12.63 -9.42 -9.20
C ARG B 59 13.50 -9.00 -8.00
N GLU B 60 13.87 -7.72 -7.94
CA GLU B 60 14.67 -7.23 -6.81
C GLU B 60 13.86 -7.19 -5.52
N ALA B 61 12.63 -6.67 -5.59
CA ALA B 61 11.77 -6.62 -4.41
C ALA B 61 11.48 -8.01 -3.85
N GLU B 62 11.21 -8.98 -4.72
CA GLU B 62 10.90 -10.33 -4.24
C GLU B 62 12.12 -10.99 -3.59
N ALA B 63 13.33 -10.67 -4.07
CA ALA B 63 14.52 -11.20 -3.42
C ALA B 63 14.67 -10.68 -2.00
N LEU B 64 14.38 -9.40 -1.78
CA LEU B 64 14.44 -8.84 -0.44
C LEU B 64 13.39 -9.47 0.46
N ASN B 65 12.14 -9.55 -0.01
CA ASN B 65 11.09 -10.24 0.74
C ASN B 65 11.48 -11.66 1.10
N ALA B 66 12.11 -12.38 0.17
CA ALA B 66 12.50 -13.76 0.46
C ALA B 66 13.50 -13.82 1.60
N LYS B 67 14.48 -12.91 1.61
CA LYS B 67 15.41 -12.84 2.72
C LYS B 67 14.69 -12.53 4.03
N ALA B 68 13.70 -11.65 3.99
CA ALA B 68 12.95 -11.32 5.18
C ALA B 68 11.99 -12.42 5.62
N GLY B 69 11.96 -13.56 4.94
CA GLY B 69 11.12 -14.67 5.34
C GLY B 69 9.74 -14.72 4.72
N HIS B 70 9.53 -14.05 3.58
CA HIS B 70 8.27 -14.14 2.87
C HIS B 70 8.17 -15.46 2.12
N TYR B 71 6.96 -15.75 1.61
CA TYR B 71 6.72 -16.87 0.71
C TYR B 71 6.97 -18.22 1.40
N GLN B 72 6.52 -18.35 2.65
CA GLN B 72 6.62 -19.62 3.37
C GLN B 72 5.26 -20.20 3.75
N LYS B 73 4.19 -19.51 3.41
CA LYS B 73 2.77 -19.85 3.49
C LYS B 73 2.23 -20.05 2.07
N PRO B 74 1.33 -21.02 1.85
CA PRO B 74 0.94 -21.36 0.46
C PRO B 74 0.20 -20.26 -0.28
N GLU B 75 -0.42 -19.32 0.42
CA GLU B 75 -1.11 -18.20 -0.23
C GLU B 75 -0.16 -17.07 -0.58
N ASP B 76 1.10 -17.17 -0.20
CA ASP B 76 2.11 -16.12 -0.42
C ASP B 76 3.08 -16.64 -1.47
N VAL B 77 2.81 -16.33 -2.72
CA VAL B 77 3.46 -16.97 -3.86
C VAL B 77 4.15 -15.89 -4.68
N PRO B 78 5.42 -16.06 -5.05
CA PRO B 78 6.13 -15.02 -5.79
C PRO B 78 5.90 -15.17 -7.29
N PHE B 79 6.09 -14.05 -7.98
CA PHE B 79 6.03 -14.02 -9.42
C PHE B 79 7.30 -14.54 -10.09
N PHE B 80 8.44 -14.53 -9.39
CA PHE B 80 9.70 -15.06 -9.92
C PHE B 80 10.33 -16.00 -8.89
N PRO B 81 9.92 -17.28 -8.89
CA PRO B 81 10.31 -18.19 -7.79
C PRO B 81 11.69 -18.79 -7.90
N GLN B 82 12.25 -18.91 -9.11
CA GLN B 82 13.44 -19.71 -9.35
C GLN B 82 14.69 -19.10 -8.70
N ASP B 83 14.85 -17.79 -8.79
CA ASP B 83 16.08 -17.13 -8.33
C ASP B 83 16.14 -16.96 -6.81
N LEU B 84 15.07 -17.26 -6.09
CA LEU B 84 14.84 -16.65 -4.78
C LEU B 84 15.80 -17.16 -3.71
N PRO B 85 16.42 -16.27 -2.91
CA PRO B 85 17.31 -16.75 -1.84
C PRO B 85 16.58 -17.39 -0.67
N SER B 86 17.34 -17.98 0.23
CA SER B 86 16.78 -18.52 1.46
C SER B 86 16.47 -17.37 2.42
N PRO B 87 15.63 -17.60 3.43
CA PRO B 87 15.48 -16.59 4.49
C PRO B 87 16.78 -16.43 5.26
N LEU B 88 17.12 -15.18 5.57
CA LEU B 88 18.28 -14.88 6.37
C LEU B 88 18.05 -15.12 7.87
N PHE B 89 16.84 -15.48 8.27
CA PHE B 89 16.38 -15.26 9.64
C PHE B 89 15.60 -16.47 10.15
N PRO B 90 15.50 -16.61 11.46
CA PRO B 90 14.78 -17.77 12.02
C PRO B 90 13.33 -17.79 11.59
N THR B 91 12.82 -18.99 11.32
CA THR B 91 11.46 -19.13 10.80
C THR B 91 10.69 -20.12 11.66
N LYS B 92 9.51 -19.68 12.12
CA LYS B 92 8.63 -20.57 12.85
C LYS B 92 8.14 -21.69 11.95
N PRO B 93 8.11 -22.93 12.43
CA PRO B 93 7.61 -24.04 11.60
C PRO B 93 6.21 -23.77 11.07
N SER B 94 5.92 -24.34 9.89
CA SER B 94 4.63 -24.16 9.25
C SER B 94 3.52 -24.78 10.09
N PRO B 95 2.33 -24.15 10.14
CA PRO B 95 1.16 -24.85 10.71
C PRO B 95 0.83 -26.14 9.97
N LYS B 96 1.11 -26.21 8.66
CA LYS B 96 0.83 -27.37 7.82
C LYS B 96 -0.64 -27.76 7.89
N VAL B 97 -1.49 -27.01 7.19
CA VAL B 97 -2.92 -27.28 7.15
C VAL B 97 -3.38 -27.86 5.82
N LEU B 98 -2.64 -27.64 4.74
CA LEU B 98 -3.03 -28.05 3.41
C LEU B 98 -2.25 -29.29 2.97
N HIS B 99 -2.83 -29.99 2.00
CA HIS B 99 -2.13 -31.05 1.30
C HIS B 99 -0.86 -30.48 0.67
N PRO B 100 0.34 -30.99 1.01
CA PRO B 100 1.56 -30.31 0.56
C PRO B 100 1.77 -30.25 -0.94
N PHE B 101 1.50 -31.35 -1.66
CA PHE B 101 1.70 -31.36 -3.11
C PHE B 101 0.65 -30.50 -3.81
N ALA B 102 -0.62 -30.63 -3.42
CA ALA B 102 -1.65 -29.80 -4.03
C ALA B 102 -1.44 -28.32 -3.72
N SER B 103 -0.66 -27.99 -2.70
CA SER B 103 -0.39 -26.61 -2.32
C SER B 103 0.54 -25.88 -3.28
N LEU B 104 1.31 -26.59 -4.08
CA LEU B 104 2.31 -25.95 -4.94
C LEU B 104 1.72 -25.29 -6.18
N VAL B 105 0.40 -25.34 -6.35
CA VAL B 105 -0.25 -24.73 -7.50
C VAL B 105 0.02 -23.23 -7.55
N THR B 106 0.28 -22.70 -8.75
CA THR B 106 0.37 -21.24 -8.93
C THR B 106 -0.20 -20.83 -10.27
N VAL B 107 -1.00 -19.75 -10.26
CA VAL B 107 -1.47 -19.10 -11.47
C VAL B 107 -0.91 -17.69 -11.59
N ASN B 108 0.24 -17.43 -10.94
CA ASN B 108 0.83 -16.10 -10.95
C ASN B 108 1.20 -15.63 -12.34
N ASP B 109 1.66 -16.56 -13.20
CA ASP B 109 1.92 -16.21 -14.59
C ASP B 109 0.70 -15.56 -15.24
N ALA B 110 -0.51 -16.01 -14.88
CA ALA B 110 -1.72 -15.45 -15.48
C ALA B 110 -2.12 -14.14 -14.81
N ILE B 111 -1.95 -14.02 -13.49
CA ILE B 111 -2.25 -12.75 -12.83
C ILE B 111 -1.39 -11.63 -13.40
N TRP B 112 -0.12 -11.91 -13.67
CA TRP B 112 0.79 -10.91 -14.23
C TRP B 112 0.30 -10.41 -15.59
N LYS B 113 0.05 -11.34 -16.53
CA LYS B 113 -0.43 -10.93 -17.85
C LYS B 113 -1.74 -10.14 -17.73
N MET B 114 -2.68 -10.62 -16.91
CA MET B 114 -3.98 -9.98 -16.73
C MET B 114 -3.82 -8.55 -16.23
N TYR B 115 -3.00 -8.34 -15.19
CA TYR B 115 -2.85 -7.01 -14.60
C TYR B 115 -2.36 -6.01 -15.63
N PHE B 116 -1.27 -6.32 -16.31
CA PHE B 116 -0.70 -5.34 -17.23
C PHE B 116 -1.51 -5.22 -18.52
N ASP B 117 -2.00 -6.33 -19.07
CA ASP B 117 -2.60 -6.21 -20.39
C ASP B 117 -4.07 -5.81 -20.36
N GLU B 118 -4.80 -6.16 -19.30
CA GLU B 118 -6.24 -5.97 -19.24
C GLU B 118 -6.72 -5.09 -18.12
N LEU B 119 -6.12 -5.20 -16.93
CA LEU B 119 -6.55 -4.40 -15.79
C LEU B 119 -6.13 -2.94 -15.94
N LEU B 120 -4.81 -2.70 -16.01
CA LEU B 120 -4.28 -1.34 -16.03
C LEU B 120 -5.03 -0.38 -16.95
N PRO B 121 -5.34 -0.72 -18.21
CA PRO B 121 -6.07 0.23 -19.06
C PRO B 121 -7.43 0.63 -18.53
N LEU B 122 -8.01 -0.17 -17.64
CA LEU B 122 -9.37 0.07 -17.17
C LEU B 122 -9.44 1.13 -16.08
N PHE B 123 -8.44 1.22 -15.21
CA PHE B 123 -8.54 2.11 -14.05
C PHE B 123 -7.43 3.16 -14.05
N THR B 124 -6.69 3.25 -15.13
CA THR B 124 -5.53 4.11 -15.19
C THR B 124 -5.64 4.99 -16.42
N VAL B 125 -5.41 6.26 -16.22
CA VAL B 125 -5.58 7.28 -17.24
C VAL B 125 -4.38 7.27 -18.18
N ASP B 126 -4.65 7.46 -19.47
CA ASP B 126 -3.60 7.68 -20.46
C ASP B 126 -2.76 8.89 -20.07
N GLY B 127 -1.45 8.76 -20.15
CA GLY B 127 -0.59 9.85 -19.78
C GLY B 127 0.69 9.35 -19.13
N ASP B 128 1.49 10.32 -18.67
CA ASP B 128 2.87 10.04 -18.25
C ASP B 128 3.32 11.17 -17.34
N ASP B 129 3.52 10.87 -16.06
CA ASP B 129 4.29 11.72 -15.16
C ASP B 129 5.64 11.05 -14.92
N ALA B 130 6.60 11.80 -14.43
CA ALA B 130 7.90 11.15 -14.34
C ALA B 130 8.00 10.01 -13.33
N SER B 131 6.90 9.63 -12.68
CA SER B 131 6.96 8.87 -11.43
C SER B 131 6.96 7.36 -11.66
N TYR B 132 7.95 6.89 -12.41
CA TYR B 132 8.02 5.47 -12.74
C TYR B 132 8.35 4.63 -11.52
N ALA B 133 9.27 5.09 -10.68
CA ALA B 133 9.66 4.30 -9.51
C ALA B 133 8.51 4.14 -8.54
N GLN B 134 7.78 5.23 -8.24
CA GLN B 134 6.58 5.12 -7.41
C GLN B 134 5.55 4.17 -8.05
N THR B 135 5.37 4.26 -9.37
CA THR B 135 4.37 3.45 -10.07
C THR B 135 4.63 1.95 -9.90
N VAL B 136 5.87 1.52 -10.11
CA VAL B 136 6.12 0.08 -10.10
C VAL B 136 5.96 -0.50 -8.70
N ALA B 137 6.29 0.28 -7.66
CA ALA B 137 5.97 -0.18 -6.31
C ALA B 137 4.46 -0.38 -6.15
N LEU B 138 3.66 0.56 -6.66
CA LEU B 138 2.20 0.45 -6.57
C LEU B 138 1.66 -0.72 -7.40
N ASP B 139 2.30 -1.03 -8.54
CA ASP B 139 1.93 -2.22 -9.31
C ASP B 139 2.20 -3.49 -8.51
N LEU B 140 3.38 -3.58 -7.89
CA LEU B 140 3.69 -4.75 -7.08
C LEU B 140 2.69 -4.91 -5.93
N ALA B 141 2.27 -3.80 -5.34
CA ALA B 141 1.27 -3.90 -4.27
C ALA B 141 -0.04 -4.47 -4.80
N CYS B 142 -0.44 -4.05 -6.01
CA CYS B 142 -1.63 -4.62 -6.65
C CYS B 142 -1.44 -6.11 -6.97
N LEU B 143 -0.32 -6.45 -7.59
CA LEU B 143 -0.04 -7.85 -7.93
C LEU B 143 -0.03 -8.76 -6.71
N GLN B 144 0.45 -8.26 -5.56
CA GLN B 144 0.54 -9.10 -4.38
C GLN B 144 -0.82 -9.31 -3.73
N VAL B 145 -1.66 -8.27 -3.66
CA VAL B 145 -2.99 -8.45 -3.09
C VAL B 145 -3.81 -9.39 -3.95
N LEU B 146 -3.84 -9.16 -5.26
CA LEU B 146 -4.54 -10.06 -6.17
C LEU B 146 -4.06 -11.49 -5.97
N SER B 147 -2.74 -11.69 -5.97
CA SER B 147 -2.21 -13.05 -5.93
C SER B 147 -2.46 -13.74 -4.59
N GLN B 148 -2.51 -12.97 -3.50
CA GLN B 148 -2.83 -13.60 -2.22
C GLN B 148 -4.30 -14.02 -2.17
N ARG B 149 -5.20 -13.17 -2.64
CA ARG B 149 -6.61 -13.52 -2.64
C ARG B 149 -6.88 -14.73 -3.54
N ILE B 150 -6.22 -14.79 -4.70
CA ILE B 150 -6.50 -15.85 -5.66
C ILE B 150 -5.97 -17.18 -5.15
N HIS B 151 -4.80 -17.18 -4.51
CA HIS B 151 -4.19 -18.40 -4.02
C HIS B 151 -4.70 -18.82 -2.65
N ILE B 152 -5.52 -17.99 -1.99
CA ILE B 152 -6.29 -18.52 -0.88
C ILE B 152 -7.30 -19.56 -1.35
N GLY B 153 -7.56 -19.65 -2.65
CA GLY B 153 -8.33 -20.74 -3.19
C GLY B 153 -7.84 -22.11 -2.77
N LYS B 154 -6.57 -22.23 -2.39
CA LYS B 154 -6.06 -23.50 -1.85
C LYS B 154 -6.78 -23.87 -0.55
N TYR B 155 -6.90 -22.90 0.36
CA TYR B 155 -7.64 -23.11 1.59
C TYR B 155 -9.13 -23.26 1.32
N VAL B 156 -9.67 -22.48 0.36
CA VAL B 156 -11.08 -22.63 0.00
C VAL B 156 -11.34 -24.05 -0.49
N ALA B 157 -10.44 -24.58 -1.32
CA ALA B 157 -10.60 -25.94 -1.83
C ALA B 157 -10.52 -26.97 -0.70
N GLU B 158 -9.48 -26.89 0.14
CA GLU B 158 -9.38 -27.81 1.27
C GLU B 158 -10.66 -27.81 2.09
N VAL B 159 -11.16 -26.61 2.40
CA VAL B 159 -12.32 -26.43 3.27
C VAL B 159 -13.58 -27.05 2.64
N LYS B 160 -13.76 -26.87 1.34
CA LYS B 160 -14.84 -27.53 0.62
C LYS B 160 -14.63 -29.03 0.54
N PHE B 161 -13.40 -29.47 0.26
CA PHE B 161 -13.13 -30.90 0.19
C PHE B 161 -13.52 -31.58 1.50
N LYS B 162 -13.05 -31.05 2.63
CA LYS B 162 -13.33 -31.66 3.92
C LYS B 162 -14.82 -31.66 4.26
N ASP B 163 -15.59 -30.70 3.72
CA ASP B 163 -17.03 -30.59 3.96
C ASP B 163 -17.83 -31.69 3.24
N ALA B 164 -17.46 -32.03 2.01
CA ALA B 164 -18.10 -33.12 1.24
C ALA B 164 -17.04 -34.03 0.64
N PRO B 165 -16.31 -34.78 1.48
CA PRO B 165 -15.16 -35.54 0.96
C PRO B 165 -15.52 -36.68 0.03
N GLN B 166 -16.63 -37.39 0.26
CA GLN B 166 -16.94 -38.51 -0.60
C GLN B 166 -17.39 -38.02 -1.98
N GLU B 167 -18.12 -36.89 -2.01
CA GLU B 167 -18.58 -36.34 -3.27
C GLU B 167 -17.45 -35.76 -4.10
N TYR B 168 -16.49 -35.09 -3.45
CA TYR B 168 -15.37 -34.51 -4.20
C TYR B 168 -14.40 -35.59 -4.67
N SER B 169 -14.06 -36.54 -3.78
CA SER B 169 -13.08 -37.55 -4.13
C SER B 169 -13.55 -38.40 -5.29
N ARG B 170 -14.87 -38.56 -5.44
CA ARG B 170 -15.41 -39.31 -6.57
C ARG B 170 -15.03 -38.64 -7.88
N LEU B 171 -15.13 -37.31 -7.92
CA LEU B 171 -14.81 -36.56 -9.13
C LEU B 171 -13.31 -36.45 -9.35
N ILE B 172 -12.52 -36.37 -8.27
CA ILE B 172 -11.07 -36.31 -8.41
C ILE B 172 -10.54 -37.59 -9.05
N LYS B 173 -11.03 -38.76 -8.59
CA LYS B 173 -10.61 -40.04 -9.17
C LYS B 173 -10.84 -40.09 -10.67
N GLU B 174 -11.95 -39.50 -11.14
CA GLU B 174 -12.24 -39.47 -12.57
C GLU B 174 -11.65 -38.25 -13.28
N LYS B 175 -10.72 -37.52 -12.64
CA LYS B 175 -10.00 -36.38 -13.24
C LYS B 175 -10.95 -35.34 -13.85
N ASP B 176 -12.15 -35.22 -13.31
CA ASP B 176 -13.26 -34.49 -13.93
C ASP B 176 -13.26 -33.02 -13.48
N SER B 177 -12.46 -32.21 -14.16
CA SER B 177 -12.36 -30.81 -13.76
C SER B 177 -13.69 -30.08 -13.95
N ASN B 178 -14.42 -30.40 -15.02
CA ASN B 178 -15.65 -29.68 -15.32
C ASN B 178 -16.69 -29.86 -14.22
N SER B 179 -16.79 -31.06 -13.65
CA SER B 179 -17.75 -31.28 -12.58
C SER B 179 -17.26 -30.72 -11.26
N LEU B 180 -15.94 -30.78 -11.03
CA LEU B 180 -15.36 -30.11 -9.87
C LEU B 180 -15.65 -28.62 -9.91
N MET B 181 -15.48 -28.00 -11.08
CA MET B 181 -15.79 -26.58 -11.23
C MET B 181 -17.23 -26.28 -10.82
N ASP B 182 -18.18 -27.12 -11.25
CA ASP B 182 -19.59 -26.89 -10.93
C ASP B 182 -19.85 -27.01 -9.43
N MET B 183 -19.24 -28.02 -8.79
CA MET B 183 -19.48 -28.21 -7.37
C MET B 183 -18.88 -27.08 -6.53
N LEU B 184 -17.72 -26.55 -6.95
CA LEU B 184 -17.05 -25.45 -6.26
C LEU B 184 -17.85 -24.16 -6.30
N THR B 185 -18.62 -23.98 -7.36
CA THR B 185 -19.13 -22.67 -7.71
C THR B 185 -20.36 -22.31 -6.88
N PHE B 186 -20.30 -21.17 -6.22
CA PHE B 186 -21.43 -20.62 -5.45
C PHE B 186 -21.83 -19.30 -6.12
N LYS B 187 -22.64 -19.39 -7.18
CA LYS B 187 -22.92 -18.22 -8.00
C LYS B 187 -23.59 -17.11 -7.20
N ALA B 188 -24.42 -17.48 -6.21
CA ALA B 188 -25.12 -16.49 -5.39
C ALA B 188 -24.16 -15.74 -4.47
N VAL B 189 -23.12 -16.42 -3.98
CA VAL B 189 -22.06 -15.72 -3.26
C VAL B 189 -21.29 -14.79 -4.19
N GLU B 190 -20.99 -15.27 -5.40
CA GLU B 190 -20.28 -14.43 -6.37
C GLU B 190 -21.02 -13.13 -6.64
N GLU B 191 -22.35 -13.18 -6.76
CA GLU B 191 -23.09 -11.94 -7.00
C GLU B 191 -23.05 -11.01 -5.79
N LYS B 192 -23.01 -11.55 -4.57
CA LYS B 192 -22.85 -10.68 -3.40
C LYS B 192 -21.47 -10.08 -3.34
N VAL B 193 -20.43 -10.88 -3.58
CA VAL B 193 -19.07 -10.37 -3.58
C VAL B 193 -18.95 -9.19 -4.54
N LYS B 194 -19.54 -9.32 -5.73
CA LYS B 194 -19.42 -8.26 -6.75
C LYS B 194 -20.12 -6.98 -6.32
N LYS B 195 -21.30 -7.10 -5.71
CA LYS B 195 -22.01 -5.91 -5.25
C LYS B 195 -21.26 -5.24 -4.10
N ARG B 196 -20.75 -6.03 -3.15
CA ARG B 196 -20.04 -5.48 -1.99
C ARG B 196 -18.75 -4.81 -2.41
N VAL B 197 -18.01 -5.44 -3.32
CA VAL B 197 -16.77 -4.87 -3.86
C VAL B 197 -17.06 -3.57 -4.60
N GLU B 198 -18.21 -3.48 -5.27
CA GLU B 198 -18.64 -2.24 -5.88
C GLU B 198 -18.92 -1.18 -4.80
N LYS B 199 -19.64 -1.57 -3.75
CA LYS B 199 -19.94 -0.64 -2.67
C LYS B 199 -18.68 -0.19 -1.94
N LYS B 200 -17.70 -1.08 -1.82
CA LYS B 200 -16.44 -0.70 -1.20
C LYS B 200 -15.67 0.31 -2.06
N ALA B 201 -15.67 0.12 -3.38
CA ALA B 201 -15.05 1.12 -4.25
C ALA B 201 -15.75 2.46 -4.11
N ARG B 202 -17.09 2.46 -4.01
CA ARG B 202 -17.85 3.68 -3.82
C ARG B 202 -17.54 4.36 -2.49
N THR B 203 -17.32 3.58 -1.43
CA THR B 203 -17.11 4.18 -0.12
C THR B 203 -15.70 4.71 0.05
N PHE B 204 -14.70 4.01 -0.50
CA PHE B 204 -13.31 4.37 -0.26
C PHE B 204 -12.73 5.33 -1.29
N GLY B 205 -13.32 5.38 -2.45
CA GLY B 205 -12.85 6.22 -3.51
C GLY B 205 -13.54 7.51 -3.68
N GLN B 206 -14.45 7.72 -2.79
CA GLN B 206 -15.26 8.89 -2.65
C GLN B 206 -14.46 10.04 -2.15
N ASN B 207 -14.81 11.25 -2.47
CA ASN B 207 -14.11 12.36 -1.94
C ASN B 207 -14.79 12.67 -0.63
N VAL B 208 -14.14 12.44 0.49
CA VAL B 208 -14.73 12.67 1.77
C VAL B 208 -14.49 14.05 2.20
N THR B 209 -15.57 14.77 2.40
CA THR B 209 -15.54 16.17 2.82
C THR B 209 -16.37 16.32 4.08
N LEU B 210 -16.08 17.39 4.85
CA LEU B 210 -16.78 17.57 6.13
C LEU B 210 -18.26 17.91 5.94
N ASP B 211 -18.57 18.71 4.93
CA ASP B 211 -19.96 18.78 4.49
C ASP B 211 -20.33 17.43 3.86
N ASP B 212 -21.63 17.11 3.89
CA ASP B 212 -22.04 15.88 3.23
C ASP B 212 -22.82 16.22 1.97
N ASN B 213 -22.17 16.95 1.06
CA ASN B 213 -22.84 17.48 -0.12
C ASN B 213 -23.07 16.39 -1.15
N ALA B 214 -24.19 16.48 -1.84
CA ALA B 214 -24.57 15.42 -2.76
C ALA B 214 -23.62 15.37 -3.95
N THR B 215 -23.32 14.14 -4.39
CA THR B 215 -22.49 13.89 -5.55
C THR B 215 -23.32 13.18 -6.61
N ALA B 216 -23.00 13.44 -7.87
CA ALA B 216 -23.72 12.87 -9.01
C ALA B 216 -23.08 11.54 -9.38
N GLY B 217 -23.65 10.45 -8.87
CA GLY B 217 -23.18 9.12 -9.24
C GLY B 217 -21.77 8.84 -8.76
N ASP B 218 -21.01 8.16 -9.62
CA ASP B 218 -19.65 7.73 -9.33
C ASP B 218 -18.62 8.61 -10.00
N SER B 219 -19.05 9.75 -10.57
CA SER B 219 -18.16 10.66 -11.27
C SER B 219 -17.05 11.19 -10.37
N GLU B 220 -17.29 11.20 -9.06
CA GLU B 220 -16.33 11.67 -8.07
C GLU B 220 -15.36 10.59 -7.63
N CYS B 221 -15.59 9.34 -8.02
CA CYS B 221 -14.86 8.21 -7.47
C CYS B 221 -13.48 8.08 -8.09
N LYS B 222 -12.49 7.82 -7.25
CA LYS B 222 -11.13 7.69 -7.76
C LYS B 222 -10.98 6.50 -8.71
N VAL B 223 -11.70 5.40 -8.45
CA VAL B 223 -11.73 4.24 -9.35
C VAL B 223 -13.19 3.88 -9.62
N ASP B 224 -13.52 3.62 -10.90
CA ASP B 224 -14.87 3.31 -11.31
C ASP B 224 -15.32 2.04 -10.61
N PRO B 225 -16.38 2.08 -9.80
CA PRO B 225 -16.76 0.87 -9.05
C PRO B 225 -17.11 -0.31 -9.96
N LYS B 226 -17.51 -0.04 -11.21
CA LYS B 226 -17.78 -1.13 -12.16
C LYS B 226 -16.50 -1.86 -12.54
N VAL B 227 -15.34 -1.22 -12.39
CA VAL B 227 -14.08 -1.90 -12.67
C VAL B 227 -13.84 -2.99 -11.63
N LEU B 228 -14.10 -2.69 -10.36
CA LEU B 228 -13.98 -3.69 -9.31
C LEU B 228 -14.95 -4.83 -9.53
N SER B 229 -16.20 -4.51 -9.92
CA SER B 229 -17.16 -5.54 -10.33
C SER B 229 -16.60 -6.40 -11.45
N LYS B 230 -15.95 -5.77 -12.44
CA LYS B 230 -15.51 -6.44 -13.66
C LYS B 230 -14.26 -7.27 -13.40
N LEU B 231 -13.33 -6.72 -12.63
CA LEU B 231 -12.15 -7.46 -12.20
C LEU B 231 -12.52 -8.76 -11.51
N TYR B 232 -13.45 -8.68 -10.55
CA TYR B 232 -13.84 -9.86 -9.80
C TYR B 232 -14.54 -10.88 -10.70
N ASP B 233 -15.43 -10.39 -11.58
CA ASP B 233 -16.25 -11.29 -12.38
C ASP B 233 -15.43 -12.06 -13.41
N GLN B 234 -14.48 -11.37 -14.05
CA GLN B 234 -13.72 -11.91 -15.17
C GLN B 234 -12.41 -12.58 -14.76
N TRP B 235 -11.73 -12.09 -13.72
CA TRP B 235 -10.37 -12.54 -13.43
C TRP B 235 -10.19 -13.06 -12.01
N VAL B 236 -10.46 -12.24 -10.97
CA VAL B 236 -10.13 -12.68 -9.62
C VAL B 236 -10.90 -13.95 -9.26
N MET B 237 -12.21 -13.92 -9.35
CA MET B 237 -12.96 -15.11 -8.96
C MET B 237 -12.70 -16.30 -9.90
N PRO B 238 -12.66 -16.12 -11.24
CA PRO B 238 -12.27 -17.26 -12.10
C PRO B 238 -10.87 -17.82 -11.85
N LEU B 239 -9.89 -16.98 -11.52
CA LEU B 239 -8.56 -17.49 -11.24
C LEU B 239 -8.47 -18.14 -9.86
N THR B 240 -9.28 -17.69 -8.90
CA THR B 240 -9.34 -18.39 -7.63
C THR B 240 -9.92 -19.79 -7.84
N LYS B 241 -11.00 -19.88 -8.61
CA LYS B 241 -11.62 -21.17 -8.88
C LYS B 241 -10.71 -22.10 -9.67
N ASP B 242 -9.92 -21.54 -10.60
CA ASP B 242 -8.86 -22.31 -11.23
C ASP B 242 -7.92 -22.92 -10.21
N VAL B 243 -7.63 -22.19 -9.13
CA VAL B 243 -6.70 -22.69 -8.12
C VAL B 243 -7.33 -23.82 -7.31
N GLU B 244 -8.61 -23.68 -6.94
CA GLU B 244 -9.29 -24.75 -6.23
C GLU B 244 -9.30 -26.04 -7.07
N VAL B 245 -9.67 -25.92 -8.34
CA VAL B 245 -9.73 -27.09 -9.22
C VAL B 245 -8.38 -27.76 -9.32
N GLU B 246 -7.31 -26.97 -9.53
CA GLU B 246 -5.97 -27.54 -9.63
C GLU B 246 -5.57 -28.18 -8.31
N TYR B 247 -5.86 -27.51 -7.20
CA TYR B 247 -5.64 -28.10 -5.88
C TYR B 247 -6.41 -29.41 -5.71
N LEU B 248 -7.72 -29.40 -5.96
CA LEU B 248 -8.54 -30.58 -5.73
C LEU B 248 -8.09 -31.78 -6.55
N LEU B 249 -7.61 -31.56 -7.78
CA LEU B 249 -7.16 -32.67 -8.61
C LEU B 249 -5.99 -33.40 -7.97
N ARG B 250 -5.14 -32.68 -7.23
CA ARG B 250 -4.00 -33.29 -6.54
C ARG B 250 -4.32 -33.72 -5.12
N ARG B 251 -5.53 -33.44 -4.64
CA ARG B 251 -5.87 -33.62 -3.23
C ARG B 251 -5.88 -35.09 -2.80
N LEU B 252 -5.84 -36.04 -3.73
CA LEU B 252 -5.87 -37.45 -3.36
C LEU B 252 -4.51 -38.12 -3.53
N ASP B 253 -3.46 -37.37 -3.86
CA ASP B 253 -2.11 -37.91 -4.01
C ASP B 253 -1.45 -38.09 -2.64
#